data_9BUN
#
_entry.id   9BUN
#
_cell.length_a   102.424
_cell.length_b   174.242
_cell.length_c   87.791
_cell.angle_alpha   90.00
_cell.angle_beta   90.00
_cell.angle_gamma   90.00
#
_symmetry.space_group_name_H-M   'C 2 2 21'
#
loop_
_entity.id
_entity.type
_entity.pdbx_description
1 polymer 'RNA (48-MER)'
2 non-polymer 'IRIDIUM HEXAMMINE ION'
3 non-polymer '5-carboxy methylrhodamine'
4 water water
#
_entity_poly.entity_id   1
_entity_poly.type   'polyribonucleotide'
_entity_poly.pdbx_seq_one_letter_code
;GGACUCGGAAACGUGAAGGAGAGGCGCAAGGUUAACCGCCUCAGUCCA
;
_entity_poly.pdbx_strand_id   A,B,C,D
#
loop_
_chem_comp.id
_chem_comp.type
_chem_comp.name
_chem_comp.formula
A RNA linking ADENOSINE-5'-MONOPHOSPHATE 'C10 H14 N5 O7 P'
C RNA linking CYTIDINE-5'-MONOPHOSPHATE 'C9 H14 N3 O8 P'
FH8 non-polymer '5-carboxy methylrhodamine' 'C25 H23 N2 O5 1'
G RNA linking GUANOSINE-5'-MONOPHOSPHATE 'C10 H14 N5 O8 P'
IRI non-polymer 'IRIDIUM HEXAMMINE ION' 'H18 Ir N6 3'
U RNA linking URIDINE-5'-MONOPHOSPHATE 'C9 H13 N2 O9 P'
#
# COMPACT_ATOMS: atom_id res chain seq x y z
IR IRI E . 16.31 14.55 6.71
N1 IRI E . 15.17 16.09 5.56
N2 IRI E . 17.47 16.20 7.74
N3 IRI E . 17.44 12.99 7.85
N4 IRI E . 15.13 12.96 5.64
N5 IRI E . 14.78 14.56 8.36
N6 IRI E . 17.87 14.51 5.08
HN11 IRI E . 15.75 16.57 5.05
HN12 IRI E . 14.56 15.69 5.03
HN13 IRI E . 14.75 16.65 6.14
HN21 IRI E . 17.18 16.27 8.61
HN22 IRI E . 18.35 15.99 7.73
HN23 IRI E . 17.33 16.98 7.31
HN31 IRI E . 16.86 12.46 8.28
HN32 IRI E . 17.93 12.49 7.27
HN33 IRI E . 18.00 13.40 8.44
HN41 IRI E . 15.23 13.05 4.75
HN42 IRI E . 15.43 12.14 5.90
HN43 IRI E . 14.25 13.03 5.86
HN51 IRI E . 14.06 15.07 8.10
HN52 IRI E . 14.50 13.72 8.52
HN53 IRI E . 15.14 14.91 9.11
HN61 IRI E . 18.09 13.66 4.89
HN62 IRI E . 17.54 14.91 4.34
HN63 IRI E . 18.61 14.95 5.37
IR IRI F . 10.23 0.00 -1.82
N1 IRI F . 8.33 1.17 -2.09
N2 IRI F . 11.31 1.38 -3.22
N3 IRI F . 12.14 -1.18 -1.53
N4 IRI F . 9.16 -1.37 -0.38
N5 IRI F . 10.81 1.34 -0.11
N6 IRI F . 9.66 -1.35 -3.53
HN11 IRI F . 8.00 1.03 -2.94
HN12 IRI F . 7.72 0.89 -1.49
HN13 IRI F . 8.49 2.05 -1.97
HN21 IRI F . 11.14 2.24 -3.00
HN22 IRI F . 12.20 1.23 -3.18
HN23 IRI F . 11.03 1.23 -4.08
HN31 IRI F . 11.94 -2.07 -1.53
HN32 IRI F . 12.52 -0.96 -0.75
HN33 IRI F . 12.72 -0.99 -2.22
HN41 IRI F . 8.38 -1.64 -0.75
HN42 IRI F . 9.67 -2.09 -0.21
HN43 IRI F . 8.99 -0.92 0.39
HN51 IRI F . 11.70 1.26 0.05
HN52 IRI F . 10.63 2.20 -0.32
HN53 IRI F . 10.35 1.10 0.64
HN61 IRI F . 9.38 -0.84 -4.23
HN62 IRI F . 10.37 -1.84 -3.78
HN63 IRI F . 8.98 -1.90 -3.27
IR IRI G . 16.05 4.42 22.47
N1 IRI G . 14.92 6.09 23.48
N2 IRI G . 17.23 5.93 21.29
N3 IRI G . 17.18 2.75 21.47
N4 IRI G . 14.87 2.91 23.66
N5 IRI G . 17.61 4.49 24.10
N6 IRI G . 14.49 4.35 20.85
HN11 IRI G . 15.01 6.85 22.99
HN12 IRI G . 14.05 5.87 23.53
HN13 IRI G . 15.26 6.23 24.31
HN21 IRI G . 17.46 6.62 21.83
HN22 IRI G . 17.98 5.53 20.96
HN23 IRI G . 16.73 6.24 20.61
HN31 IRI G . 16.63 2.32 20.89
HN32 IRI G . 17.89 3.09 21.02
HN33 IRI G . 17.47 2.17 22.10
HN41 IRI G . 14.07 2.78 23.26
HN42 IRI G . 15.33 2.13 23.69
HN43 IRI G . 14.75 3.23 24.50
HN51 IRI G . 18.12 3.74 24.05
HN52 IRI G . 18.13 5.23 23.99
HN53 IRI G . 17.20 4.53 24.91
HN61 IRI G . 14.47 5.15 20.42
HN62 IRI G . 14.71 3.70 20.26
HN63 IRI G . 13.69 4.18 21.21
O3 FH8 H . 9.83 28.50 -0.34
O5 FH8 H . 8.61 23.71 -8.18
OE FH8 H . 10.42 28.21 -5.96
C02 FH8 H . 9.08 27.87 -5.55
O2 FH8 H . 8.05 28.19 -6.12
C13 FH8 H . 9.00 27.01 -4.29
C14 FH8 H . 9.11 27.59 -2.99
C15 FH8 H . 9.05 26.83 -1.86
C03 FH8 H . 9.16 27.37 -0.46
O4 FH8 H . 8.65 26.76 0.48
C16 FH8 H . 8.88 25.46 -1.98
C11 FH8 H . 8.77 24.84 -3.19
C12 FH8 H . 8.83 25.63 -4.36
C01 FH8 H . 8.72 24.95 -5.70
C34 FH8 H . 7.50 24.69 -6.28
C33 FH8 H . 6.24 25.02 -5.68
C32 FH8 H . 5.04 24.73 -6.33
C31 FH8 H . 5.05 24.11 -7.59
N2 FH8 H . 3.88 23.82 -8.20
C311 FH8 H . 2.60 24.17 -7.59
C321 FH8 H . 3.79 23.19 -9.49
C36 FH8 H . 6.29 23.77 -8.19
C35 FH8 H . 7.44 24.06 -7.54
C25 FH8 H . 9.85 23.96 -7.60
C26 FH8 H . 10.95 23.57 -8.33
C21 FH8 H . 12.23 23.81 -7.79
N3 FH8 H . 13.32 23.45 -8.46
C211 FH8 H . 13.22 22.70 -9.72
C221 FH8 H . 14.69 23.77 -7.97
C22 FH8 H . 12.31 24.42 -6.56
C23 FH8 H . 11.20 24.81 -5.84
C24 FH8 H . 9.92 24.59 -6.35
H14 FH8 H . 9.25 28.66 -2.90
H16 FH8 H . 8.83 24.86 -1.08
H11 FH8 H . 8.64 23.77 -3.26
H33 FH8 H . 6.22 25.50 -4.71
H32 FH8 H . 4.10 25.00 -5.87
H313 FH8 H . 2.52 25.27 -7.53
H311 FH8 H . 1.79 23.76 -8.19
H312 FH8 H . 2.56 23.75 -6.57
H321 FH8 H . 4.44 22.29 -9.51
H322 FH8 H . 2.75 22.88 -9.67
H323 FH8 H . 4.11 23.88 -10.26
H36 FH8 H . 6.32 23.29 -9.16
H26 FH8 H . 10.83 23.10 -9.28
H211 FH8 H . 14.23 22.33 -9.99
H212 FH8 H . 12.54 21.85 -9.60
H213 FH8 H . 12.85 23.36 -10.51
H221 FH8 H . 15.44 23.30 -8.63
H222 FH8 H . 14.84 24.86 -7.98
H223 FH8 H . 14.82 23.40 -6.95
H22 FH8 H . 13.29 24.61 -6.14
H23 FH8 H . 11.32 25.29 -4.88
IR IRI I . 0.14 -25.16 15.55
N1 IRI I . -1.43 -24.14 16.79
N2 IRI I . 1.75 -24.26 16.85
N3 IRI I . 1.73 -26.19 14.32
N4 IRI I . -1.46 -26.06 14.25
N5 IRI I . 0.04 -26.96 16.90
N6 IRI I . 0.25 -23.37 14.20
HN11 IRI I . -1.51 -23.27 16.52
HN12 IRI I . -2.22 -24.57 16.68
HN13 IRI I . -1.19 -24.17 17.66
HN21 IRI I . 1.49 -24.31 17.72
HN22 IRI I . 2.51 -24.73 16.75
HN23 IRI I . 1.88 -23.40 16.61
HN31 IRI I . 1.37 -26.44 13.52
HN32 IRI I . 2.42 -25.62 14.19
HN33 IRI I . 2.02 -26.93 14.76
HN41 IRI I . -1.58 -25.54 13.52
HN42 IRI I . -1.21 -26.89 13.99
HN43 IRI I . -2.23 -26.11 14.72
HN51 IRI I . 0.75 -26.96 17.47
HN52 IRI I . -0.73 -26.93 17.38
HN53 IRI I . 0.05 -27.72 16.40
HN61 IRI I . -0.05 -22.64 14.65
HN62 IRI I . 1.12 -23.23 13.95
HN63 IRI I . -0.25 -23.50 13.47
IR IRI J . 9.92 -32.69 34.10
N1 IRI J . 8.63 -31.23 32.96
N2 IRI J . 11.74 -31.60 33.34
N3 IRI J . 11.20 -34.12 35.28
N4 IRI J . 8.07 -33.76 34.76
N5 IRI J . 9.81 -31.33 35.91
N6 IRI J . 10.07 -34.02 32.28
HN11 IRI J . 9.02 -31.03 32.16
HN12 IRI J . 7.82 -31.61 32.81
HN13 IRI J . 8.53 -30.47 33.44
HN21 IRI J . 12.38 -31.60 33.99
HN22 IRI J . 12.06 -32.02 32.61
HN23 IRI J . 11.52 -30.74 33.13
HN31 IRI J . 10.69 -34.82 35.55
HN32 IRI J . 11.87 -34.43 34.76
HN33 IRI J . 11.54 -33.70 36.01
HN41 IRI J . 7.47 -33.77 34.07
HN42 IRI J . 8.27 -34.61 34.99
HN43 IRI J . 7.70 -33.33 35.47
HN51 IRI J . 10.52 -31.49 36.45
HN52 IRI J . 9.82 -30.46 35.64
HN53 IRI J . 9.04 -31.50 36.36
HN61 IRI J . 9.24 -34.15 31.93
HN62 IRI J . 10.60 -33.63 31.66
HN63 IRI J . 10.42 -34.82 32.52
IR IRI K . 13.77 -15.86 23.41
N1 IRI K . 12.07 -14.42 23.05
N2 IRI K . 14.77 -14.36 24.76
N3 IRI K . 15.48 -17.28 23.77
N4 IRI K . 12.77 -17.41 22.11
N5 IRI K . 12.66 -16.71 25.19
N6 IRI K . 14.87 -15.03 21.63
HN11 IRI K . 12.40 -13.66 22.69
HN12 IRI K . 11.47 -14.79 22.47
HN13 IRI K . 11.66 -14.24 23.83
HN21 IRI K . 14.14 -13.97 25.30
HN22 IRI K . 15.39 -14.78 25.27
HN23 IRI K . 15.16 -13.72 24.26
HN31 IRI K . 15.97 -17.38 23.01
HN32 IRI K . 16.02 -16.95 24.43
HN33 IRI K . 15.15 -18.09 24.02
HN41 IRI K . 12.33 -17.00 21.43
HN42 IRI K . 13.40 -17.96 21.76
HN43 IRI K . 12.19 -17.90 22.61
HN51 IRI K . 12.99 -17.53 25.38
HN52 IRI K . 12.78 -16.16 25.90
HN53 IRI K . 11.78 -16.78 24.99
HN61 IRI K . 15.32 -14.28 21.88
HN62 IRI K . 15.45 -15.64 21.32
HN63 IRI K . 14.27 -14.81 20.98
IR IRI L . -1.96 -28.08 21.24
N1 IRI L . -3.71 -26.93 22.09
N2 IRI L . -0.57 -27.00 22.64
N3 IRI L . -0.22 -29.24 20.40
N4 IRI L . -3.35 -29.17 19.84
N5 IRI L . -2.29 -29.69 22.79
N6 IRI L . -1.65 -26.48 19.69
HN11 IRI L . -3.82 -26.17 21.62
HN12 IRI L . -4.46 -27.44 22.02
HN13 IRI L . -3.54 -26.73 22.95
HN21 IRI L . -1.04 -26.74 23.38
HN22 IRI L . 0.09 -27.55 22.89
HN23 IRI L . -0.24 -26.28 22.22
HN31 IRI L . -0.53 -29.97 19.96
HN32 IRI L . 0.24 -28.70 19.82
HN33 IRI L . 0.33 -29.49 21.07
HN41 IRI L . -3.21 -28.87 18.98
HN42 IRI L . -3.18 -30.06 19.87
HN43 IRI L . -4.21 -29.01 20.07
HN51 IRI L . -1.55 -29.75 23.31
HN52 IRI L . -3.00 -29.46 23.31
HN53 IRI L . -2.44 -30.47 22.38
HN61 IRI L . -2.40 -26.37 19.21
HN62 IRI L . -1.43 -25.70 20.10
HN63 IRI L . -0.97 -26.73 19.13
O3 FH8 M . -3.27 -38.60 23.49
O5 FH8 M . 5.04 -38.87 27.71
OE FH8 M . 0.81 -41.63 24.19
C02 FH8 M . 1.02 -40.95 25.43
O2 FH8 M . 1.61 -41.38 26.41
C13 FH8 M . 0.43 -39.54 25.48
C14 FH8 M . -0.88 -39.31 24.94
C15 FH8 M . -1.44 -38.07 24.96
C03 FH8 M . -2.82 -37.76 24.41
O4 FH8 M . -3.42 -36.77 24.81
C16 FH8 M . -0.74 -37.01 25.53
C11 FH8 M . 0.51 -37.19 26.06
C12 FH8 M . 1.11 -38.47 26.04
C01 FH8 M . 2.48 -38.61 26.64
C34 FH8 M . 2.69 -38.45 28.00
C33 FH8 M . 1.67 -38.15 28.95
C32 FH8 M . 1.96 -38.00 30.32
C31 FH8 M . 3.29 -38.14 30.77
N2 FH8 M . 3.59 -38.00 32.08
C311 FH8 M . 2.56 -37.69 33.07
C321 FH8 M . 4.92 -38.15 32.59
C36 FH8 M . 4.30 -38.44 29.85
C35 FH8 M . 3.99 -38.58 28.53
C25 FH8 M . 4.86 -39.03 26.34
C26 FH8 M . 5.99 -39.33 25.62
C21 FH8 M . 5.87 -39.51 24.23
N3 FH8 M . 6.94 -39.79 23.50
C211 FH8 M . 8.28 -39.82 24.11
C221 FH8 M . 6.85 -40.08 22.04
C22 FH8 M . 4.61 -39.38 23.67
C23 FH8 M . 3.49 -39.09 24.41
C24 FH8 M . 3.57 -38.91 25.78
H14 FH8 M . -1.42 -40.13 24.50
H16 FH8 M . -1.20 -36.04 25.55
H11 FH8 M . 1.03 -36.35 26.49
H33 FH8 M . 0.64 -38.03 28.61
H32 FH8 M . 1.17 -37.76 31.01
H313 FH8 M . 1.90 -38.56 33.20
H311 FH8 M . 3.04 -37.45 34.03
H312 FH8 M . 1.97 -36.83 32.73
H321 FH8 M . 5.62 -37.60 31.94
H322 FH8 M . 4.97 -37.73 33.61
H323 FH8 M . 5.20 -39.21 32.61
H36 FH8 M . 5.32 -38.56 30.18
H26 FH8 M . 6.94 -39.41 26.11
H211 FH8 M . 9.04 -39.96 23.31
H212 FH8 M . 8.48 -38.89 24.65
H213 FH8 M . 8.34 -40.67 24.81
H221 FH8 M . 7.86 -40.19 21.64
H222 FH8 M . 6.29 -41.00 21.89
H223 FH8 M . 6.34 -39.25 21.54
H22 FH8 M . 4.51 -39.53 22.60
H23 FH8 M . 2.53 -39.01 23.92
IR IRI N . -9.29 6.83 -0.57
N1 IRI N . -10.72 8.57 -0.64
N2 IRI N . -7.66 8.20 0.13
N3 IRI N . -7.86 5.09 -0.52
N4 IRI N . -10.94 5.46 -1.28
N5 IRI N . -9.86 6.42 1.57
N6 IRI N . -8.71 7.24 -2.71
HN11 IRI N . -10.59 9.04 -1.39
HN12 IRI N . -11.58 8.26 -0.62
HN13 IRI N . -10.58 9.11 0.08
HN21 IRI N . -7.80 8.43 1.00
HN22 IRI N . -6.86 7.78 0.06
HN23 IRI N . -7.64 8.95 -0.37
HN31 IRI N . -8.30 4.33 -0.74
HN32 IRI N . -7.20 5.23 -1.12
HN33 IRI N . -7.51 5.02 0.31
HN41 IRI N . -11.25 5.75 -2.08
HN42 IRI N . -10.61 4.62 -1.36
HN43 IRI N . -11.62 5.47 -0.67
HN51 IRI N . -9.32 5.79 1.91
HN52 IRI N . -9.78 7.19 2.05
HN53 IRI N . -10.72 6.14 1.60
HN61 IRI N . -9.01 8.07 -2.96
HN62 IRI N . -7.81 7.21 -2.79
HN63 IRI N . -9.08 6.62 -3.26
IR IRI O . -14.21 19.48 -11.82
N1 IRI O . -16.12 20.62 -11.61
N2 IRI O . -13.37 20.60 -10.07
N3 IRI O . -12.27 18.32 -12.04
N4 IRI O . -15.06 18.34 -13.58
N5 IRI O . -14.99 17.94 -10.39
N6 IRI O . -13.40 21.00 -13.27
HN11 IRI O . -16.03 21.44 -11.99
HN12 IRI O . -16.80 20.18 -12.03
HN13 IRI O . -16.33 20.73 -10.73
HN21 IRI O . -13.68 20.24 -9.30
HN22 IRI O . -12.46 20.56 -10.08
HN23 IRI O . -13.63 21.47 -10.12
HN31 IRI O . -12.34 17.76 -12.75
HN32 IRI O . -11.60 18.90 -12.17
HN33 IRI O . -12.12 17.85 -11.29
HN41 IRI O . -15.05 18.86 -14.31
HN42 IRI O . -14.55 17.59 -13.72
HN43 IRI O . -15.91 18.09 -13.39
HN51 IRI O . -14.30 17.53 -9.97
HN52 IRI O . -15.51 18.36 -9.76
HN53 IRI O . -15.48 17.33 -10.83
HN61 IRI O . -13.26 21.78 -12.83
HN62 IRI O . -12.63 20.70 -13.63
HN63 IRI O . -14.01 21.14 -13.93
IR IRI P . -6.23 40.06 -10.07
N1 IRI P . -6.52 42.21 -9.50
N2 IRI P . -4.09 40.17 -9.38
N3 IRI P . -5.91 37.90 -10.64
N4 IRI P . -8.37 39.96 -10.76
N5 IRI P . -6.91 39.42 -8.03
N6 IRI P . -5.56 40.68 -12.12
HN11 IRI P . -6.59 42.72 -10.24
HN12 IRI P . -7.27 42.30 -9.00
HN13 IRI P . -5.80 42.50 -9.01
HN21 IRI P . -4.03 40.72 -8.66
HN22 IRI P . -3.80 39.34 -9.15
HN23 IRI P . -3.56 40.49 -10.06
HN31 IRI P . -6.25 37.76 -11.47
HN32 IRI P . -5.02 37.72 -10.65
HN33 IRI P . -6.32 37.36 -10.04
HN41 IRI P . -8.52 40.60 -11.39
HN42 IRI P . -8.53 39.14 -11.12
HN43 IRI P . -8.92 40.10 -10.06
HN51 IRI P . -6.96 38.52 -7.99
HN52 IRI P . -6.33 39.72 -7.40
HN53 IRI P . -7.73 39.77 -7.86
HN61 IRI P . -5.36 41.56 -12.12
HN62 IRI P . -4.83 40.19 -12.36
HN63 IRI P . -6.23 40.52 -12.72
IR IRI Q . -14.41 38.59 -6.18
N1 IRI Q . -15.51 40.50 -6.66
N2 IRI Q . -12.51 39.76 -5.85
N3 IRI Q . -13.30 36.68 -5.72
N4 IRI Q . -16.31 37.42 -6.50
N5 IRI Q . -14.92 38.84 -4.01
N6 IRI Q . -13.89 38.35 -8.36
HN11 IRI Q . -15.12 40.90 -7.39
HN12 IRI Q . -16.37 40.31 -6.84
HN13 IRI Q . -15.46 41.07 -5.94
HN21 IRI Q . -12.39 39.89 -4.96
HN22 IRI Q . -11.81 39.31 -6.20
HN23 IRI Q . -12.58 40.57 -6.26
HN31 IRI Q . -13.88 35.98 -5.74
HN32 IRI Q . -12.65 36.55 -6.34
HN33 IRI Q . -12.93 36.74 -4.89
HN41 IRI Q . -16.73 37.73 -7.24
HN42 IRI Q . -16.10 36.54 -6.61
HN43 IRI Q . -16.85 37.52 -5.78
HN51 IRI Q . -15.01 39.72 -3.81
HN52 IRI Q . -15.71 38.41 -3.83
HN53 IRI Q . -14.26 38.48 -3.49
HN61 IRI Q . -13.52 37.53 -8.49
HN62 IRI Q . -14.63 38.42 -8.86
HN63 IRI Q . -13.28 38.98 -8.60
IR IRI R . -12.55 27.62 4.06
N1 IRI R . -12.36 29.46 5.33
N2 IRI R . -10.31 27.54 3.85
N3 IRI R . -12.73 25.76 2.79
N4 IRI R . -14.79 27.68 4.28
N5 IRI R . -12.39 26.35 5.91
N6 IRI R . -12.73 28.85 2.19
HN11 IRI R . -11.85 30.07 4.89
HN12 IRI R . -13.19 29.81 5.47
HN13 IRI R . -11.98 29.25 6.12
HN21 IRI R . -9.93 28.15 4.42
HN22 IRI R . -10.01 26.72 4.05
HN23 IRI R . -10.08 27.75 3.00
HN31 IRI R . -13.56 25.74 2.40
HN32 IRI R . -12.62 25.03 3.30
HN33 IRI R . -12.11 25.78 2.13
HN41 IRI R . -15.13 28.30 3.70
HN42 IRI R . -15.13 26.86 4.09
HN43 IRI R . -15.00 27.91 5.13
HN51 IRI R . -12.12 25.50 5.68
HN52 IRI R . -11.78 26.71 6.48
HN53 IRI R . -13.19 26.30 6.33
HN61 IRI R . -12.34 29.67 2.34
HN62 IRI R . -12.31 28.44 1.50
HN63 IRI R . -13.60 28.97 1.98
O3 FH8 S . -8.65 30.09 -24.75
O5 FH8 S . -10.69 37.10 -18.91
OE FH8 S . -10.79 35.73 -23.11
C02 FH8 S . -9.52 35.12 -23.38
O2 FH8 S . -8.62 35.56 -24.08
C13 FH8 S . -9.34 33.80 -22.64
C14 FH8 S . -8.92 32.64 -23.37
C15 FH8 S . -8.75 31.44 -22.75
C03 FH8 S . -8.31 30.19 -23.47
O4 FH8 S . -7.66 29.33 -22.87
C16 FH8 S . -8.98 31.35 -21.38
C11 FH8 S . -9.37 32.43 -20.64
C12 FH8 S . -9.56 33.68 -21.27
C01 FH8 S . -10.00 34.85 -20.43
C34 FH8 S . -9.03 35.76 -20.03
C33 FH8 S . -7.65 35.62 -20.34
C32 FH8 S . -6.70 36.55 -19.90
C31 FH8 S . -7.11 37.65 -19.12
N2 FH8 S . -6.20 38.55 -18.71
C311 FH8 S . -4.77 38.41 -19.02
C321 FH8 S . -6.57 39.70 -17.91
C36 FH8 S . -8.48 37.79 -18.82
C35 FH8 S . -9.39 36.88 -19.26
C25 FH8 S . -11.69 36.20 -19.32
C26 FH8 S . -12.97 36.51 -18.91
C21 FH8 S . -14.04 35.67 -19.27
N3 FH8 S . -15.28 35.93 -18.93
C211 FH8 S . -15.63 37.09 -18.07
C221 FH8 S . -16.43 35.11 -19.39
C22 FH8 S . -13.72 34.56 -20.03
C23 FH8 S . -12.43 34.25 -20.43
C24 FH8 S . -11.37 35.08 -20.08
H14 FH8 S . -8.75 32.71 -24.43
H16 FH8 S . -8.84 30.39 -20.90
H11 FH8 S . -9.53 32.32 -19.58
H33 FH8 S . -7.31 34.76 -20.92
H32 FH8 S . -5.65 36.43 -20.14
H313 FH8 S . -4.63 38.42 -20.11
H311 FH8 S . -4.22 39.25 -18.57
H312 FH8 S . -4.40 37.46 -18.60
H321 FH8 S . -7.57 39.54 -17.49
H322 FH8 S . -5.84 39.83 -17.10
H323 FH8 S . -6.57 40.60 -18.55
H36 FH8 S . -8.82 38.64 -18.24
H26 FH8 S . -13.16 37.41 -18.32
H211 FH8 S . -16.65 36.96 -17.67
H212 FH8 S . -14.92 37.15 -17.23
H213 FH8 S . -15.58 38.01 -18.66
H221 FH8 S . -17.36 35.47 -18.91
H222 FH8 S . -16.53 35.19 -20.49
H223 FH8 S . -16.27 34.05 -19.13
H22 FH8 S . -14.52 33.90 -20.32
H23 FH8 S . -12.26 33.37 -21.02
IR IRI T . -13.64 -16.72 -24.24
N1 IRI T . -15.20 -15.16 -24.71
N2 IRI T . -12.51 -15.20 -23.01
N3 IRI T . -12.05 -18.28 -23.78
N4 IRI T . -14.74 -18.25 -25.46
N5 IRI T . -14.76 -17.27 -22.38
N6 IRI T . -12.48 -16.13 -26.07
HN11 IRI T . -14.80 -14.43 -25.07
HN12 IRI T . -15.80 -15.50 -25.29
HN13 IRI T . -15.62 -14.91 -23.95
HN21 IRI T . -12.81 -15.22 -22.16
HN22 IRI T . -11.63 -15.40 -23.01
HN23 IRI T . -12.64 -14.38 -23.35
HN31 IRI T . -11.33 -18.14 -24.31
HN32 IRI T . -12.39 -19.10 -23.94
HN33 IRI T . -11.81 -18.21 -22.91
HN41 IRI T . -14.28 -18.41 -26.24
HN42 IRI T . -14.82 -19.02 -24.99
HN43 IRI T . -15.57 -17.93 -25.67
HN51 IRI T . -14.98 -18.15 -22.41
HN52 IRI T . -14.24 -17.12 -21.65
HN53 IRI T . -15.52 -16.77 -22.33
HN61 IRI T . -11.70 -15.73 -25.83
HN62 IRI T . -12.29 -16.87 -26.56
HN63 IRI T . -12.97 -15.55 -26.57
IR IRI U . 5.59 -18.80 -13.34
N1 IRI U . 5.65 -17.81 -11.32
N2 IRI U . 7.76 -19.38 -13.13
N3 IRI U . 5.56 -19.80 -15.36
N4 IRI U . 3.42 -18.25 -13.56
N5 IRI U . 5.00 -20.73 -12.37
N6 IRI U . 6.15 -16.87 -14.29
HN11 IRI U . 6.48 -17.89 -10.97
HN12 IRI U . 5.46 -16.93 -11.40
HN13 IRI U . 5.06 -18.20 -10.77
HN21 IRI U . 7.82 -20.24 -12.84
HN22 IRI U . 8.17 -19.30 -13.93
HN23 IRI U . 8.16 -18.82 -12.54
HN31 IRI U . 5.07 -19.31 -15.94
HN32 IRI U . 6.41 -19.88 -15.68
HN33 IRI U . 5.20 -20.63 -15.29
HN41 IRI U . 3.34 -17.37 -13.73
HN42 IRI U . 3.05 -18.72 -14.25
HN43 IRI U . 2.98 -18.46 -12.80
HN51 IRI U . 5.24 -21.43 -12.91
HN52 IRI U . 5.41 -20.81 -11.58
HN53 IRI U . 4.10 -20.75 -12.26
HN61 IRI U . 7.05 -16.76 -14.26
HN62 IRI U . 5.88 -16.87 -15.17
HN63 IRI U . 5.75 -16.19 -13.86
IR IRI V . -6.08 -3.20 -16.20
N1 IRI V . -5.33 -1.34 -15.18
N2 IRI V . -4.25 -3.23 -17.50
N3 IRI V . -6.81 -5.07 -17.21
N4 IRI V . -7.92 -3.17 -14.90
N5 IRI V . -5.02 -4.47 -14.67
N6 IRI V . -7.15 -1.93 -17.72
HN11 IRI V . -4.68 -0.96 -15.68
HN12 IRI V . -6.02 -0.75 -15.08
HN13 IRI V . -5.00 -1.55 -14.36
HN21 IRI V . -3.52 -3.42 -17.00
HN22 IRI V . -4.35 -3.85 -18.16
HN23 IRI V . -4.13 -2.41 -17.88
HN31 IRI V . -7.66 -4.96 -17.48
HN32 IRI V . -6.29 -5.26 -17.93
HN33 IRI V . -6.76 -5.77 -16.62
HN41 IRI V . -8.32 -2.37 -14.97
HN42 IRI V . -8.49 -3.83 -15.18
HN43 IRI V . -7.68 -3.33 -14.04
HN51 IRI V . -5.62 -4.95 -14.20
HN52 IRI V . -4.44 -5.04 -15.09
HN53 IRI V . -4.54 -3.94 -14.11
HN61 IRI V . -6.70 -1.97 -18.51
HN62 IRI V . -8.00 -2.24 -17.83
HN63 IRI V . -7.18 -1.07 -17.43
O3 FH8 W . -4.77 -30.63 -22.05
O5 FH8 W . 2.92 -25.57 -20.53
OE FH8 W . 0.01 -29.61 -23.99
C02 FH8 W . 0.32 -29.35 -22.62
O2 FH8 W . 1.42 -29.49 -22.09
C13 FH8 W . -0.85 -28.85 -21.77
C14 FH8 W . -2.11 -29.52 -21.83
C15 FH8 W . -3.16 -29.11 -21.08
C03 FH8 W . -4.54 -29.75 -21.09
O4 FH8 W . -5.34 -29.43 -20.22
C16 FH8 W . -3.02 -28.02 -20.24
C11 FH8 W . -1.84 -27.34 -20.14
C12 FH8 W . -0.73 -27.75 -20.90
C01 FH8 W . 0.55 -26.98 -20.77
C34 FH8 W . 1.24 -27.01 -19.58
C33 FH8 W . 0.84 -27.72 -18.41
C32 FH8 W . 1.60 -27.70 -17.23
C31 FH8 W . 2.80 -26.95 -17.19
N2 FH8 W . 3.53 -26.92 -16.06
C311 FH8 W . 3.12 -27.65 -14.86
C321 FH8 W . 4.76 -26.19 -15.95
C36 FH8 W . 3.21 -26.24 -18.34
C35 FH8 W . 2.45 -26.29 -19.46
C25 FH8 W . 2.22 -25.55 -21.75
C26 FH8 W . 2.79 -24.80 -22.75
C21 FH8 W . 2.15 -24.72 -23.98
N3 FH8 W . 2.66 -24.01 -24.97
C211 FH8 W . 3.91 -23.25 -24.81
C221 FH8 W . 2.03 -23.93 -26.32
C22 FH8 W . 0.96 -25.41 -24.14
C23 FH8 W . 0.40 -26.15 -23.13
C24 FH8 W . 1.03 -26.25 -21.88
H14 FH8 W . -2.22 -30.37 -22.49
H16 FH8 W . -3.87 -27.69 -19.65
H11 FH8 W . -1.76 -26.49 -19.48
H33 FH8 W . -0.08 -28.29 -18.42
H32 FH8 W . 1.27 -28.24 -16.37
H313 FH8 W . 3.19 -28.73 -15.06
H311 FH8 W . 3.78 -27.38 -14.02
H312 FH8 W . 2.07 -27.40 -14.62
H321 FH8 W . 4.63 -25.18 -16.39
H322 FH8 W . 5.04 -26.08 -14.89
H323 FH8 W . 5.56 -26.71 -16.48
H36 FH8 W . 4.13 -25.67 -18.33
H26 FH8 W . 3.72 -24.28 -22.58
H211 FH8 W . 4.08 -22.61 -25.69
H212 FH8 W . 3.85 -22.63 -23.91
H213 FH8 W . 4.75 -23.95 -24.70
H221 FH8 W . 2.50 -23.12 -26.91
H222 FH8 W . 2.14 -24.89 -26.85
H223 FH8 W . 0.95 -23.70 -26.20
H22 FH8 W . 0.45 -25.37 -25.08
H23 FH8 W . -0.53 -26.67 -23.29
#